data_8D6E
#
_entry.id   8D6E
#
_cell.length_a   51.243
_cell.length_b   112.014
_cell.length_c   72.978
_cell.angle_alpha   90.000
_cell.angle_beta   109.870
_cell.angle_gamma   90.000
#
_symmetry.space_group_name_H-M   'P 1 21 1'
#
loop_
_entity.id
_entity.type
_entity.pdbx_description
1 polymer 'Membrane-associated tyrosine- and threonine-specific cdc2-inhibitory kinase'
2 non-polymer 'SULFATE ION'
3 non-polymer (1P)-2-amino-1-(3-hydroxy-2,6-dimethylphenyl)-5,6-dimethyl-1H-pyrrolo[2,3-b]pyridine-3-carboxamide
4 non-polymer GLYCEROL
5 non-polymer 1,2-ETHANEDIOL
6 water water
#
_entity_poly.entity_id   1
_entity_poly.type   'polypeptide(L)'
_entity_poly.pdbx_seq_one_letter_code
;MHHHHHHSSGVDLGTENLYFQSMHQLQPRRVSFRGEASETLQSPGYDPSRPESFFQQSFQRLSRLGHGSYGEVFKVRSKE
DGRLYAVKRSMSPFRGPKDRARKLAEVGSHEKVGQHPCCVRLEQAWEEGGILYLQTELCGPSLQQHCEAWGASLPEAQVW
GYLRDTLLALAHLHSQGLVHLDVKPANIFLGPRGRCKLGDFGLLVELGTAGAGEVQEGDPRYMAPELLQGSYGTAADVFS
LGLTILEVACNMELPHGGEGWQQLRQGYLPPEFTAGLSSELRSVLVMMLEPDPKLRATAEALLALPVLRQP
;
_entity_poly.pdbx_strand_id   B,A
#
# COMPACT_ATOMS: atom_id res chain seq x y z
N LEU A 26 -1.13 -13.90 -34.81
CA LEU A 26 -1.97 -13.22 -33.83
C LEU A 26 -1.67 -11.72 -33.83
N GLN A 27 -2.72 -10.90 -33.83
CA GLN A 27 -2.55 -9.45 -33.86
C GLN A 27 -3.54 -8.82 -32.89
N PRO A 28 -3.14 -7.71 -32.26
CA PRO A 28 -4.05 -6.96 -31.38
C PRO A 28 -5.04 -6.11 -32.16
N ARG A 29 -6.27 -6.05 -31.65
CA ARG A 29 -7.36 -5.32 -32.25
C ARG A 29 -7.95 -4.38 -31.21
N ARG A 30 -8.21 -3.13 -31.60
CA ARG A 30 -8.75 -2.17 -30.65
C ARG A 30 -10.19 -2.53 -30.29
N VAL A 31 -10.54 -2.25 -29.03
CA VAL A 31 -11.89 -2.47 -28.51
C VAL A 31 -12.51 -1.13 -28.14
N SER A 32 -13.67 -0.82 -28.74
CA SER A 32 -14.41 0.39 -28.44
C SER A 32 -15.83 0.21 -28.94
N PHE A 33 -16.76 0.96 -28.34
CA PHE A 33 -18.19 0.92 -28.68
C PHE A 33 -18.68 2.22 -29.31
N ARG A 34 -17.79 2.94 -30.00
CA ARG A 34 -18.18 4.10 -30.81
C ARG A 34 -18.47 3.75 -32.26
N GLY A 35 -18.39 2.47 -32.62
CA GLY A 35 -18.55 2.03 -33.99
C GLY A 35 -17.26 1.83 -34.74
N GLU A 36 -16.13 2.26 -34.16
CA GLU A 36 -14.84 2.16 -34.85
C GLU A 36 -14.39 0.70 -34.92
N ALA A 37 -13.89 0.30 -36.10
CA ALA A 37 -13.45 -1.07 -36.32
C ALA A 37 -12.09 -1.33 -35.67
N SER A 38 -11.09 -0.49 -35.95
CA SER A 38 -9.77 -0.65 -35.37
C SER A 38 -8.96 0.64 -35.42
N GLU A 39 -9.62 1.78 -35.17
CA GLU A 39 -9.08 3.14 -35.24
C GLU A 39 -7.68 3.30 -35.83
N PRO A 44 2.51 3.67 -33.18
CA PRO A 44 3.64 3.12 -33.93
C PRO A 44 4.56 2.29 -33.05
N GLY A 45 5.72 1.89 -33.58
CA GLY A 45 6.67 1.13 -32.79
C GLY A 45 6.37 -0.35 -32.63
N TYR A 46 5.31 -0.85 -33.25
CA TYR A 46 4.90 -2.24 -33.08
C TYR A 46 5.08 -2.98 -34.40
N ASP A 47 5.77 -4.11 -34.35
CA ASP A 47 5.97 -4.95 -35.52
C ASP A 47 5.16 -6.24 -35.36
N PRO A 48 4.11 -6.43 -36.17
CA PRO A 48 3.29 -7.63 -36.03
C PRO A 48 4.06 -8.93 -36.24
N SER A 49 5.13 -8.91 -37.04
CA SER A 49 5.87 -10.14 -37.35
C SER A 49 6.54 -10.72 -36.12
N ARG A 50 7.08 -9.88 -35.24
CA ARG A 50 7.75 -10.38 -34.05
C ARG A 50 6.77 -11.17 -33.20
N PRO A 51 7.22 -12.26 -32.56
CA PRO A 51 6.29 -13.06 -31.75
C PRO A 51 5.83 -12.36 -30.48
N GLU A 52 6.59 -11.39 -29.97
CA GLU A 52 6.21 -10.71 -28.73
C GLU A 52 4.90 -9.96 -28.89
N SER A 53 4.04 -10.07 -27.88
CA SER A 53 2.72 -9.45 -27.92
C SER A 53 2.83 -7.93 -27.94
N PHE A 54 1.72 -7.26 -28.30
CA PHE A 54 1.71 -5.81 -28.36
C PHE A 54 1.92 -5.19 -27.00
N PHE A 55 1.42 -5.86 -25.95
CA PHE A 55 1.59 -5.35 -24.61
C PHE A 55 3.06 -5.33 -24.22
N GLN A 56 3.80 -6.38 -24.60
CA GLN A 56 5.23 -6.43 -24.35
C GLN A 56 6.01 -5.43 -25.20
N GLN A 57 5.57 -5.18 -26.43
CA GLN A 57 6.38 -4.37 -27.33
C GLN A 57 6.25 -2.87 -27.05
N SER A 58 5.06 -2.40 -26.64
CA SER A 58 4.78 -0.98 -26.51
C SER A 58 4.82 -0.46 -25.06
N PHE A 59 5.25 -1.27 -24.09
CA PHE A 59 5.25 -0.88 -22.69
C PHE A 59 6.42 -1.54 -21.97
N GLN A 60 6.86 -0.92 -20.89
CA GLN A 60 7.73 -1.53 -19.89
C GLN A 60 6.93 -1.71 -18.60
N ARG A 61 6.86 -2.95 -18.11
CA ARG A 61 6.13 -3.25 -16.88
C ARG A 61 6.95 -2.72 -15.69
N LEU A 62 6.49 -1.63 -15.08
CA LEU A 62 7.19 -1.10 -13.91
C LEU A 62 6.87 -1.92 -12.65
N SER A 63 5.61 -2.26 -12.41
CA SER A 63 5.26 -3.05 -11.25
C SER A 63 3.85 -3.60 -11.42
N ARG A 64 3.50 -4.58 -10.58
CA ARG A 64 2.19 -5.19 -10.57
C ARG A 64 1.40 -4.59 -9.42
N LEU A 65 0.34 -3.82 -9.76
CA LEU A 65 -0.48 -3.14 -8.78
C LEU A 65 -1.45 -4.07 -8.08
N GLY A 66 -1.93 -5.10 -8.77
CA GLY A 66 -2.86 -6.01 -8.16
C GLY A 66 -3.03 -7.22 -9.04
N HIS A 67 -3.73 -8.21 -8.49
CA HIS A 67 -4.06 -9.42 -9.23
C HIS A 67 -5.24 -10.08 -8.54
N GLY A 68 -5.92 -10.93 -9.30
CA GLY A 68 -7.10 -11.60 -8.81
C GLY A 68 -7.70 -12.44 -9.92
N SER A 69 -8.96 -12.82 -9.75
CA SER A 69 -9.65 -13.63 -10.76
C SER A 69 -9.79 -12.87 -12.08
N TYR A 70 -9.88 -11.54 -12.03
CA TYR A 70 -9.96 -10.74 -13.25
C TYR A 70 -8.68 -10.78 -14.07
N GLY A 71 -7.54 -11.00 -13.43
CA GLY A 71 -6.28 -10.86 -14.14
C GLY A 71 -5.28 -10.08 -13.33
N GLU A 72 -4.64 -9.08 -13.93
CA GLU A 72 -3.55 -8.36 -13.30
C GLU A 72 -3.60 -6.90 -13.69
N VAL A 73 -3.04 -6.04 -12.84
CA VAL A 73 -2.94 -4.63 -13.14
C VAL A 73 -1.49 -4.24 -12.93
N PHE A 74 -0.90 -3.61 -13.94
CA PHE A 74 0.48 -3.19 -13.92
C PHE A 74 0.54 -1.69 -14.06
N LYS A 75 1.53 -1.10 -13.38
CA LYS A 75 1.95 0.25 -13.69
C LYS A 75 2.93 0.21 -14.84
N VAL A 76 2.75 1.12 -15.80
CA VAL A 76 3.53 1.13 -17.03
C VAL A 76 3.81 2.59 -17.42
N ARG A 77 4.77 2.78 -18.32
CA ARG A 77 5.02 4.07 -18.96
C ARG A 77 4.86 3.92 -20.47
N SER A 78 4.18 4.88 -21.09
CA SER A 78 3.92 4.84 -22.51
C SER A 78 5.10 5.37 -23.32
N LYS A 79 5.21 4.91 -24.56
CA LYS A 79 6.26 5.36 -25.46
C LYS A 79 5.78 6.36 -26.51
N GLU A 80 4.47 6.48 -26.72
CA GLU A 80 3.95 7.51 -27.62
C GLU A 80 4.10 8.90 -27.02
N ASP A 81 3.73 9.08 -25.75
CA ASP A 81 3.82 10.39 -25.10
C ASP A 81 4.58 10.39 -23.78
N GLY A 82 5.17 9.26 -23.38
CA GLY A 82 5.99 9.22 -22.18
C GLY A 82 5.28 9.38 -20.86
N ARG A 83 3.96 9.39 -20.83
CA ARG A 83 3.20 9.55 -19.60
C ARG A 83 3.09 8.21 -18.89
N LEU A 84 2.61 8.23 -17.64
CA LEU A 84 2.46 7.01 -16.86
C LEU A 84 1.02 6.53 -16.90
N TYR A 85 0.84 5.21 -17.03
CA TYR A 85 -0.50 4.62 -17.14
C TYR A 85 -0.56 3.32 -16.35
N ALA A 86 -1.79 2.82 -16.20
CA ALA A 86 -2.08 1.50 -15.61
C ALA A 86 -2.77 0.65 -16.65
N VAL A 87 -2.43 -0.64 -16.67
CA VAL A 87 -2.98 -1.55 -17.65
C VAL A 87 -3.55 -2.75 -16.90
N LYS A 88 -4.81 -3.07 -17.15
CA LYS A 88 -5.45 -4.25 -16.60
C LYS A 88 -5.61 -5.27 -17.72
N ARG A 89 -5.26 -6.53 -17.45
CA ARG A 89 -5.35 -7.58 -18.47
C ARG A 89 -6.03 -8.81 -17.88
N SER A 90 -6.87 -9.44 -18.68
CA SER A 90 -7.56 -10.62 -18.17
C SER A 90 -6.54 -11.75 -17.98
N MET A 91 -6.94 -12.72 -17.15
CA MET A 91 -6.03 -13.81 -16.79
C MET A 91 -5.80 -14.76 -17.95
N SER A 92 -6.88 -15.32 -18.51
CA SER A 92 -6.84 -16.39 -19.49
C SER A 92 -7.74 -16.09 -20.69
N PRO A 93 -7.48 -16.74 -21.83
CA PRO A 93 -8.18 -16.38 -23.07
C PRO A 93 -9.67 -16.68 -23.04
N PHE A 94 -10.41 -15.92 -23.84
CA PHE A 94 -11.87 -16.02 -23.92
C PHE A 94 -12.33 -17.47 -24.04
N ARG A 95 -13.22 -17.88 -23.14
CA ARG A 95 -13.75 -19.23 -23.21
C ARG A 95 -14.70 -19.41 -24.39
N GLY A 96 -15.54 -18.41 -24.64
CA GLY A 96 -16.58 -18.48 -25.63
C GLY A 96 -17.01 -17.08 -26.01
N PRO A 97 -18.03 -16.96 -26.85
CA PRO A 97 -18.55 -15.63 -27.19
C PRO A 97 -19.21 -14.92 -26.02
N LYS A 98 -19.91 -15.63 -25.14
CA LYS A 98 -20.50 -14.97 -23.98
C LYS A 98 -19.42 -14.44 -23.04
N ASP A 99 -18.38 -15.23 -22.77
CA ASP A 99 -17.28 -14.77 -21.92
C ASP A 99 -16.61 -13.54 -22.51
N ARG A 100 -16.36 -13.56 -23.82
CA ARG A 100 -15.81 -12.39 -24.49
C ARG A 100 -16.74 -11.18 -24.36
N ALA A 101 -18.05 -11.39 -24.60
CA ALA A 101 -19.00 -10.28 -24.55
C ALA A 101 -19.09 -9.68 -23.14
N ARG A 102 -19.11 -10.52 -22.10
CA ARG A 102 -19.14 -9.99 -20.73
C ARG A 102 -17.89 -9.17 -20.43
N LYS A 103 -16.71 -9.66 -20.84
CA LYS A 103 -15.49 -8.92 -20.52
C LYS A 103 -15.42 -7.59 -21.27
N LEU A 104 -15.74 -7.59 -22.56
CA LEU A 104 -15.67 -6.37 -23.35
C LEU A 104 -16.69 -5.33 -22.90
N ALA A 105 -17.82 -5.77 -22.31
CA ALA A 105 -18.82 -4.80 -21.88
C ALA A 105 -18.25 -3.79 -20.88
N GLU A 106 -17.19 -4.16 -20.15
CA GLU A 106 -16.57 -3.20 -19.23
C GLU A 106 -16.05 -1.99 -19.98
N VAL A 107 -15.43 -2.22 -21.14
CA VAL A 107 -14.96 -1.12 -21.98
C VAL A 107 -16.13 -0.23 -22.37
N GLY A 108 -17.25 -0.85 -22.77
CA GLY A 108 -18.42 -0.07 -23.15
C GLY A 108 -18.97 0.75 -22.00
N SER A 109 -19.11 0.13 -20.81
CA SER A 109 -19.58 0.88 -19.64
C SER A 109 -18.62 2.01 -19.28
N HIS A 110 -17.33 1.77 -19.34
CA HIS A 110 -16.36 2.81 -19.00
C HIS A 110 -16.47 3.99 -19.96
N GLU A 111 -16.77 3.73 -21.23
CA GLU A 111 -16.93 4.80 -22.22
C GLU A 111 -18.21 5.61 -21.99
N LYS A 112 -19.29 4.97 -21.53
CA LYS A 112 -20.50 5.74 -21.21
C LYS A 112 -20.24 6.77 -20.14
N VAL A 113 -19.36 6.45 -19.19
CA VAL A 113 -19.01 7.43 -18.15
C VAL A 113 -18.35 8.65 -18.77
N GLY A 114 -17.34 8.43 -19.60
CA GLY A 114 -16.65 9.53 -20.25
C GLY A 114 -15.64 10.19 -19.32
N GLN A 115 -15.23 11.40 -19.69
CA GLN A 115 -14.24 12.16 -18.94
C GLN A 115 -14.93 12.97 -17.84
N HIS A 116 -14.50 12.76 -16.60
CA HIS A 116 -14.98 13.54 -15.47
C HIS A 116 -13.87 13.53 -14.43
N PRO A 117 -13.65 14.65 -13.72
CA PRO A 117 -12.49 14.72 -12.82
C PRO A 117 -12.47 13.67 -11.72
N CYS A 118 -13.64 13.25 -11.24
CA CYS A 118 -13.72 12.27 -10.17
C CYS A 118 -14.00 10.86 -10.67
N CYS A 119 -13.75 10.58 -11.95
CA CYS A 119 -13.84 9.22 -12.50
C CYS A 119 -12.52 8.82 -13.15
N VAL A 120 -12.11 7.56 -12.92
CA VAL A 120 -10.90 7.07 -13.55
C VAL A 120 -11.05 7.09 -15.06
N ARG A 121 -10.07 7.68 -15.73
CA ARG A 121 -10.16 7.89 -17.18
C ARG A 121 -9.52 6.73 -17.93
N LEU A 122 -10.27 6.20 -18.90
CA LEU A 122 -9.78 5.15 -19.79
C LEU A 122 -9.12 5.77 -21.03
N GLU A 123 -7.90 5.33 -21.33
CA GLU A 123 -7.19 5.80 -22.53
C GLU A 123 -7.60 4.99 -23.75
N GLN A 124 -7.44 3.67 -23.67
CA GLN A 124 -7.75 2.78 -24.77
C GLN A 124 -7.81 1.35 -24.25
N ALA A 125 -8.44 0.50 -25.04
CA ALA A 125 -8.61 -0.90 -24.69
C ALA A 125 -8.47 -1.72 -25.97
N TRP A 126 -7.95 -2.93 -25.83
CA TRP A 126 -7.68 -3.75 -27.00
C TRP A 126 -7.64 -5.21 -26.58
N GLU A 127 -7.81 -6.07 -27.59
CA GLU A 127 -7.76 -7.51 -27.40
C GLU A 127 -6.69 -8.09 -28.32
N GLU A 128 -5.98 -9.09 -27.82
CA GLU A 128 -4.97 -9.84 -28.58
C GLU A 128 -4.88 -11.22 -27.95
N GLY A 129 -4.90 -12.25 -28.77
CA GLY A 129 -4.80 -13.59 -28.23
C GLY A 129 -5.92 -13.98 -27.29
N GLY A 130 -7.11 -13.40 -27.46
CA GLY A 130 -8.18 -13.69 -26.53
C GLY A 130 -8.03 -13.07 -25.17
N ILE A 131 -7.13 -12.10 -25.03
CA ILE A 131 -6.86 -11.39 -23.79
C ILE A 131 -7.34 -9.95 -23.95
N LEU A 132 -8.06 -9.43 -22.95
CA LEU A 132 -8.52 -8.04 -22.95
C LEU A 132 -7.60 -7.16 -22.10
N TYR A 133 -7.26 -5.99 -22.63
CA TYR A 133 -6.37 -5.01 -21.98
C TYR A 133 -7.11 -3.69 -21.83
N LEU A 134 -7.05 -3.11 -20.64
CA LEU A 134 -7.61 -1.78 -20.40
C LEU A 134 -6.49 -0.88 -19.93
N GLN A 135 -6.26 0.20 -20.65
CA GLN A 135 -5.25 1.18 -20.29
C GLN A 135 -5.98 2.40 -19.74
N THR A 136 -5.62 2.79 -18.51
CA THR A 136 -6.19 3.95 -17.86
C THR A 136 -5.07 4.82 -17.32
N GLU A 137 -5.43 6.04 -16.90
CA GLU A 137 -4.51 6.88 -16.14
C GLU A 137 -4.06 6.17 -14.87
N LEU A 138 -2.85 6.51 -14.41
CA LEU A 138 -2.36 6.01 -13.13
C LEU A 138 -2.97 6.80 -11.97
N CYS A 139 -3.45 6.08 -10.97
CA CYS A 139 -4.02 6.62 -9.76
C CYS A 139 -3.27 6.06 -8.56
N GLY A 140 -3.48 6.66 -7.39
CA GLY A 140 -2.79 6.23 -6.21
C GLY A 140 -3.46 5.00 -5.60
N PRO A 141 -3.09 4.67 -4.37
CA PRO A 141 -3.68 3.50 -3.71
C PRO A 141 -5.18 3.64 -3.55
N SER A 142 -5.85 2.50 -3.45
CA SER A 142 -7.28 2.50 -3.19
C SER A 142 -7.58 2.97 -1.76
N LEU A 143 -8.82 3.41 -1.54
CA LEU A 143 -9.25 3.79 -0.20
C LEU A 143 -9.08 2.64 0.79
N GLN A 144 -9.32 1.42 0.32
CA GLN A 144 -9.12 0.22 1.14
C GLN A 144 -7.67 0.08 1.60
N GLN A 145 -6.73 0.21 0.67
CA GLN A 145 -5.32 0.12 1.02
C GLN A 145 -4.93 1.23 1.98
N HIS A 146 -5.44 2.44 1.75
CA HIS A 146 -5.11 3.54 2.63
C HIS A 146 -5.60 3.27 4.04
N CYS A 147 -6.80 2.69 4.17
CA CYS A 147 -7.33 2.43 5.50
C CYS A 147 -6.57 1.29 6.19
N GLU A 148 -6.20 0.25 5.46
CA GLU A 148 -5.41 -0.83 6.06
C GLU A 148 -4.09 -0.31 6.61
N ALA A 149 -3.40 0.54 5.85
CA ALA A 149 -2.14 1.13 6.31
C ALA A 149 -2.36 2.08 7.48
N TRP A 150 -3.48 2.81 7.48
CA TRP A 150 -3.72 3.76 8.58
C TRP A 150 -4.05 3.02 9.86
N GLY A 151 -4.65 1.84 9.75
CA GLY A 151 -4.89 0.99 10.89
C GLY A 151 -5.85 1.53 11.90
N ALA A 152 -6.73 2.43 11.49
CA ALA A 152 -7.67 3.04 12.42
C ALA A 152 -8.70 3.82 11.61
N SER A 153 -9.65 4.42 12.30
CA SER A 153 -10.62 5.28 11.64
C SER A 153 -9.90 6.43 10.96
N LEU A 154 -10.30 6.75 9.72
CA LEU A 154 -9.72 7.92 9.07
C LEU A 154 -10.08 9.20 9.82
N PRO A 155 -9.22 10.22 9.80
CA PRO A 155 -9.62 11.50 10.40
C PRO A 155 -10.79 12.09 9.62
N GLU A 156 -11.75 12.66 10.35
CA GLU A 156 -13.00 13.09 9.72
C GLU A 156 -12.77 14.04 8.56
N ALA A 157 -11.80 14.95 8.71
CA ALA A 157 -11.52 15.91 7.64
C ALA A 157 -11.23 15.19 6.32
N GLN A 158 -10.44 14.11 6.37
CA GLN A 158 -10.15 13.35 5.16
C GLN A 158 -11.41 12.70 4.60
N VAL A 159 -12.25 12.18 5.50
CA VAL A 159 -13.48 11.53 5.12
C VAL A 159 -14.41 12.46 4.34
N TRP A 160 -14.51 13.74 4.76
CA TRP A 160 -15.39 14.67 4.04
C TRP A 160 -14.95 14.85 2.60
N GLY A 161 -13.65 14.99 2.38
CA GLY A 161 -13.16 15.13 1.02
C GLY A 161 -13.50 13.93 0.15
N TYR A 162 -13.30 12.72 0.68
CA TYR A 162 -13.60 11.53 -0.14
C TYR A 162 -15.09 11.40 -0.40
N LEU A 163 -15.91 11.69 0.62
CA LEU A 163 -17.36 11.68 0.43
C LEU A 163 -17.80 12.68 -0.63
N ARG A 164 -17.24 13.88 -0.61
CA ARG A 164 -17.64 14.89 -1.59
C ARG A 164 -17.26 14.45 -3.00
N ASP A 165 -16.02 14.00 -3.20
CA ASP A 165 -15.59 13.62 -4.54
C ASP A 165 -16.35 12.40 -5.05
N THR A 166 -16.64 11.44 -4.18
CA THR A 166 -17.41 10.28 -4.64
C THR A 166 -18.86 10.67 -4.94
N LEU A 167 -19.43 11.60 -4.17
CA LEU A 167 -20.77 12.10 -4.51
C LEU A 167 -20.77 12.79 -5.86
N LEU A 168 -19.72 13.58 -6.16
CA LEU A 168 -19.63 14.21 -7.48
C LEU A 168 -19.53 13.16 -8.59
N ALA A 169 -18.71 12.14 -8.40
CA ALA A 169 -18.65 11.08 -9.41
C ALA A 169 -20.02 10.46 -9.61
N LEU A 170 -20.71 10.15 -8.51
CA LEU A 170 -22.02 9.52 -8.59
C LEU A 170 -23.05 10.47 -9.19
N ALA A 171 -22.98 11.76 -8.87
CA ALA A 171 -23.90 12.71 -9.49
C ALA A 171 -23.72 12.71 -11.00
N HIS A 172 -22.47 12.61 -11.46
CA HIS A 172 -22.21 12.54 -12.88
C HIS A 172 -22.83 11.27 -13.50
N LEU A 173 -22.64 10.12 -12.85
CA LEU A 173 -23.18 8.86 -13.38
C LEU A 173 -24.70 8.87 -13.39
N HIS A 174 -25.30 9.33 -12.30
CA HIS A 174 -26.73 9.27 -12.15
C HIS A 174 -27.43 10.21 -13.12
N SER A 175 -26.82 11.37 -13.42
CA SER A 175 -27.44 12.31 -14.35
C SER A 175 -27.60 11.71 -15.74
N GLN A 176 -26.82 10.69 -16.08
CA GLN A 176 -26.91 10.01 -17.36
C GLN A 176 -27.67 8.68 -17.28
N GLY A 177 -28.33 8.40 -16.16
CA GLY A 177 -29.04 7.15 -16.00
C GLY A 177 -28.17 5.94 -15.74
N LEU A 178 -26.98 6.12 -15.17
CA LEU A 178 -26.03 5.04 -14.92
C LEU A 178 -25.96 4.73 -13.43
N VAL A 179 -25.96 3.44 -13.09
CA VAL A 179 -25.81 2.97 -11.72
C VAL A 179 -24.52 2.16 -11.64
N HIS A 180 -23.66 2.50 -10.68
CA HIS A 180 -22.36 1.86 -10.59
C HIS A 180 -22.49 0.43 -10.08
N LEU A 181 -23.24 0.23 -8.99
CA LEU A 181 -23.55 -1.04 -8.36
C LEU A 181 -22.37 -1.67 -7.65
N ASP A 182 -21.21 -1.02 -7.58
CA ASP A 182 -20.08 -1.62 -6.87
C ASP A 182 -19.27 -0.52 -6.18
N VAL A 183 -19.96 0.39 -5.50
CA VAL A 183 -19.29 1.43 -4.72
C VAL A 183 -18.79 0.82 -3.42
N LYS A 184 -17.49 0.95 -3.16
CA LYS A 184 -16.85 0.38 -1.97
C LYS A 184 -15.40 0.88 -1.92
N PRO A 185 -14.74 0.75 -0.78
CA PRO A 185 -13.37 1.28 -0.66
C PRO A 185 -12.41 0.77 -1.71
N ALA A 186 -12.53 -0.50 -2.13
CA ALA A 186 -11.63 -1.04 -3.13
C ALA A 186 -11.75 -0.35 -4.49
N ASN A 187 -12.86 0.33 -4.78
CA ASN A 187 -13.09 0.93 -6.10
C ASN A 187 -12.96 2.45 -6.09
N ILE A 188 -12.40 3.01 -5.03
CA ILE A 188 -12.16 4.44 -4.90
C ILE A 188 -10.65 4.63 -4.76
N PHE A 189 -10.08 5.46 -5.63
CA PHE A 189 -8.63 5.59 -5.79
C PHE A 189 -8.20 7.00 -5.40
N LEU A 190 -7.22 7.06 -4.49
CA LEU A 190 -6.74 8.29 -3.87
C LEU A 190 -5.79 9.06 -4.77
N GLY A 191 -5.92 10.38 -4.77
CA GLY A 191 -5.03 11.23 -5.51
C GLY A 191 -4.33 12.22 -4.62
N PRO A 192 -3.50 13.08 -5.21
CA PRO A 192 -2.79 14.08 -4.41
C PRO A 192 -3.77 15.10 -3.83
N ARG A 193 -3.41 15.63 -2.66
CA ARG A 193 -4.16 16.71 -2.01
C ARG A 193 -5.56 16.26 -1.62
N GLY A 194 -5.68 15.02 -1.15
CA GLY A 194 -6.92 14.62 -0.52
C GLY A 194 -8.11 14.38 -1.44
N ARG A 195 -7.90 14.36 -2.77
CA ARG A 195 -8.93 14.04 -3.75
C ARG A 195 -8.97 12.52 -4.02
N CYS A 196 -10.08 12.06 -4.64
CA CYS A 196 -10.15 10.65 -5.01
C CYS A 196 -11.06 10.46 -6.21
N LYS A 197 -10.95 9.28 -6.84
CA LYS A 197 -11.68 8.94 -8.05
C LYS A 197 -12.37 7.60 -7.95
N LEU A 198 -13.62 7.58 -8.43
CA LEU A 198 -14.40 6.36 -8.53
C LEU A 198 -13.94 5.58 -9.76
N GLY A 199 -13.68 4.28 -9.57
CA GLY A 199 -13.27 3.43 -10.66
C GLY A 199 -14.03 2.11 -10.72
N ASP A 200 -13.57 1.21 -11.60
CA ASP A 200 -14.10 -0.15 -11.81
C ASP A 200 -15.57 -0.16 -12.19
N PHE A 201 -15.85 0.08 -13.46
CA PHE A 201 -17.20 0.15 -13.98
C PHE A 201 -17.68 -1.19 -14.58
N GLY A 202 -17.09 -2.30 -14.15
CA GLY A 202 -17.47 -3.59 -14.71
C GLY A 202 -18.90 -4.01 -14.44
N LEU A 203 -19.47 -3.59 -13.31
CA LEU A 203 -20.87 -3.90 -12.97
C LEU A 203 -21.81 -2.77 -13.35
N LEU A 204 -21.30 -1.71 -13.97
CA LEU A 204 -22.16 -0.58 -14.31
C LEU A 204 -23.28 -1.04 -15.24
N VAL A 205 -24.49 -0.52 -15.00
CA VAL A 205 -25.63 -0.76 -15.86
C VAL A 205 -26.28 0.57 -16.17
N GLU A 206 -26.88 0.65 -17.36
CA GLU A 206 -27.62 1.82 -17.80
C GLU A 206 -29.10 1.56 -17.65
N LEU A 207 -29.79 2.44 -16.91
CA LEU A 207 -31.21 2.26 -16.68
C LEU A 207 -31.99 2.48 -17.96
N GLY A 208 -32.99 1.63 -18.19
CA GLY A 208 -33.75 1.77 -19.41
C GLY A 208 -34.88 0.78 -19.53
N THR A 209 -36.12 1.25 -19.37
CA THR A 209 -37.29 0.48 -19.73
C THR A 209 -37.63 0.61 -21.20
N ALA A 210 -36.99 1.54 -21.90
CA ALA A 210 -37.05 1.62 -23.36
C ALA A 210 -35.89 0.89 -24.02
N GLY A 211 -34.82 0.61 -23.27
CA GLY A 211 -33.71 -0.20 -23.75
C GLY A 211 -33.59 -1.52 -23.01
N ALA A 212 -32.39 -2.08 -22.94
CA ALA A 212 -32.15 -3.38 -22.34
C ALA A 212 -31.05 -3.29 -21.29
N GLY A 213 -30.78 -4.40 -20.61
CA GLY A 213 -29.75 -4.43 -19.58
C GLY A 213 -29.63 -5.81 -18.97
N GLU A 214 -28.48 -6.01 -18.31
CA GLU A 214 -28.20 -7.23 -17.58
C GLU A 214 -27.37 -6.87 -16.35
N VAL A 215 -27.66 -7.52 -15.22
CA VAL A 215 -27.11 -7.18 -13.90
C VAL A 215 -26.28 -8.34 -13.38
N GLN A 216 -25.09 -8.04 -12.87
CA GLN A 216 -24.23 -9.04 -12.25
C GLN A 216 -24.37 -8.99 -10.73
N GLU A 217 -23.85 -10.03 -10.07
CA GLU A 217 -23.91 -10.12 -8.61
C GLU A 217 -23.00 -9.08 -7.97
N GLY A 218 -23.50 -8.35 -6.98
CA GLY A 218 -22.70 -7.40 -6.25
C GLY A 218 -22.19 -7.92 -4.91
N ASP A 219 -21.45 -7.06 -4.22
CA ASP A 219 -20.93 -7.41 -2.89
C ASP A 219 -22.07 -7.24 -1.88
N PRO A 220 -22.51 -8.31 -1.21
CA PRO A 220 -23.64 -8.17 -0.27
C PRO A 220 -23.39 -7.23 0.90
N ARG A 221 -22.14 -7.06 1.33
CA ARG A 221 -21.83 -6.16 2.43
C ARG A 221 -22.32 -4.75 2.14
N TYR A 222 -22.25 -4.33 0.88
CA TYR A 222 -22.53 -2.95 0.47
C TYR A 222 -23.87 -2.81 -0.24
N MET A 223 -24.69 -3.86 -0.24
CA MET A 223 -25.89 -3.88 -1.06
C MET A 223 -27.01 -3.05 -0.43
N ALA A 224 -27.64 -2.19 -1.23
CA ALA A 224 -28.85 -1.51 -0.76
C ALA A 224 -29.96 -2.55 -0.52
N PRO A 225 -30.81 -2.33 0.48
CA PRO A 225 -31.83 -3.35 0.80
C PRO A 225 -32.83 -3.64 -0.31
N GLU A 226 -33.21 -2.65 -1.12
CA GLU A 226 -34.21 -2.91 -2.15
C GLU A 226 -33.67 -3.81 -3.27
N LEU A 227 -32.35 -3.98 -3.39
CA LEU A 227 -31.81 -4.84 -4.44
C LEU A 227 -32.26 -6.28 -4.25
N LEU A 228 -32.48 -6.69 -3.01
CA LEU A 228 -32.95 -8.04 -2.73
C LEU A 228 -34.29 -8.31 -3.41
N GLN A 229 -35.15 -7.30 -3.48
CA GLN A 229 -36.44 -7.39 -4.16
C GLN A 229 -36.35 -6.99 -5.62
N GLY A 230 -35.15 -6.84 -6.17
CA GLY A 230 -35.03 -6.62 -7.59
C GLY A 230 -35.28 -5.19 -8.07
N SER A 231 -35.36 -4.22 -7.17
CA SER A 231 -35.59 -2.85 -7.62
C SER A 231 -34.25 -2.13 -7.74
N TYR A 232 -33.87 -1.83 -8.96
CA TYR A 232 -32.61 -1.19 -9.28
C TYR A 232 -32.86 0.26 -9.63
N GLY A 233 -31.97 1.12 -9.16
CA GLY A 233 -32.06 2.54 -9.40
C GLY A 233 -30.79 3.18 -8.89
N THR A 234 -30.64 4.46 -9.20
CA THR A 234 -29.45 5.18 -8.76
C THR A 234 -29.34 5.22 -7.25
N ALA A 235 -30.47 5.18 -6.52
CA ALA A 235 -30.41 5.22 -5.07
C ALA A 235 -29.58 4.08 -4.47
N ALA A 236 -29.42 2.95 -5.17
CA ALA A 236 -28.60 1.88 -4.60
C ALA A 236 -27.16 2.37 -4.38
N ASP A 237 -26.64 3.18 -5.31
CA ASP A 237 -25.27 3.66 -5.16
C ASP A 237 -25.13 4.54 -3.93
N VAL A 238 -26.13 5.38 -3.64
CA VAL A 238 -26.08 6.26 -2.47
C VAL A 238 -26.02 5.44 -1.20
N PHE A 239 -26.82 4.37 -1.12
CA PHE A 239 -26.73 3.51 0.05
C PHE A 239 -25.34 2.88 0.18
N SER A 240 -24.76 2.41 -0.94
CA SER A 240 -23.44 1.76 -0.87
C SER A 240 -22.37 2.74 -0.42
N LEU A 241 -22.40 3.97 -0.94
CA LEU A 241 -21.47 5.00 -0.47
C LEU A 241 -21.63 5.26 1.03
N GLY A 242 -22.87 5.30 1.52
CA GLY A 242 -23.07 5.48 2.95
C GLY A 242 -22.44 4.37 3.78
N LEU A 243 -22.60 3.12 3.35
CA LEU A 243 -21.93 2.04 4.06
C LEU A 243 -20.43 2.17 3.94
N THR A 244 -19.95 2.63 2.78
CA THR A 244 -18.52 2.82 2.55
C THR A 244 -17.93 3.83 3.54
N ILE A 245 -18.58 4.98 3.72
CA ILE A 245 -18.11 6.02 4.63
C ILE A 245 -18.18 5.54 6.06
N LEU A 246 -19.25 4.83 6.40
CA LEU A 246 -19.39 4.23 7.73
C LEU A 246 -18.22 3.31 8.03
N GLU A 247 -17.81 2.49 7.05
CA GLU A 247 -16.72 1.54 7.27
C GLU A 247 -15.40 2.26 7.53
N VAL A 248 -15.07 3.25 6.71
CA VAL A 248 -13.74 3.84 6.84
C VAL A 248 -13.70 4.87 7.96
N ALA A 249 -14.79 5.60 8.19
CA ALA A 249 -14.79 6.62 9.23
C ALA A 249 -14.88 6.03 10.62
N CYS A 250 -15.42 4.82 10.76
CA CYS A 250 -15.55 4.15 12.06
C CYS A 250 -14.72 2.88 12.16
N ASN A 251 -13.91 2.55 11.15
CA ASN A 251 -13.09 1.33 11.17
C ASN A 251 -13.93 0.10 11.53
N MET A 252 -15.02 -0.08 10.80
CA MET A 252 -15.99 -1.12 11.13
C MET A 252 -16.07 -2.12 9.98
N GLU A 253 -16.00 -3.42 10.32
CA GLU A 253 -16.16 -4.47 9.31
C GLU A 253 -17.63 -4.75 9.05
N LEU A 254 -18.03 -4.68 7.80
CA LEU A 254 -19.41 -4.85 7.37
C LEU A 254 -19.75 -6.34 7.28
N PRO A 255 -20.94 -6.74 7.70
CA PRO A 255 -21.33 -8.16 7.64
C PRO A 255 -21.85 -8.56 6.28
N HIS A 256 -21.66 -9.85 5.94
CA HIS A 256 -22.15 -10.43 4.69
C HIS A 256 -23.63 -10.77 4.75
N GLY A 257 -24.14 -11.08 5.93
CA GLY A 257 -25.52 -11.48 6.06
C GLY A 257 -25.87 -11.60 7.53
N GLY A 258 -27.03 -12.18 7.80
CA GLY A 258 -27.44 -12.41 9.17
C GLY A 258 -27.96 -11.17 9.85
N GLU A 259 -28.09 -11.26 11.18
CA GLU A 259 -28.74 -10.19 11.93
C GLU A 259 -27.98 -8.88 11.80
N GLY A 260 -26.64 -8.94 11.80
CA GLY A 260 -25.87 -7.71 11.63
C GLY A 260 -26.14 -7.02 10.31
N TRP A 261 -26.27 -7.80 9.23
CA TRP A 261 -26.61 -7.23 7.94
C TRP A 261 -27.95 -6.50 7.99
N GLN A 262 -28.95 -7.09 8.68
CA GLN A 262 -30.27 -6.47 8.76
C GLN A 262 -30.23 -5.22 9.63
N GLN A 263 -29.42 -5.24 10.70
CA GLN A 263 -29.38 -4.11 11.62
C GLN A 263 -28.97 -2.82 10.91
N LEU A 264 -28.10 -2.92 9.90
CA LEU A 264 -27.67 -1.76 9.13
C LEU A 264 -28.71 -1.27 8.13
N ARG A 265 -29.77 -2.04 7.89
CA ARG A 265 -30.75 -1.68 6.87
C ARG A 265 -32.12 -1.40 7.46
N GLN A 266 -32.18 -1.06 8.75
CA GLN A 266 -33.40 -0.65 9.43
C GLN A 266 -33.53 0.87 9.57
N GLY A 267 -32.51 1.62 9.20
CA GLY A 267 -32.53 3.06 9.35
C GLY A 267 -31.94 3.58 10.65
N TYR A 268 -31.35 2.72 11.47
CA TYR A 268 -30.74 3.12 12.74
C TYR A 268 -29.27 2.77 12.73
N LEU A 269 -28.42 3.77 12.98
CA LEU A 269 -26.99 3.53 13.05
C LEU A 269 -26.64 2.78 14.34
N PRO A 270 -25.61 1.94 14.32
CA PRO A 270 -25.15 1.27 15.55
C PRO A 270 -24.47 2.26 16.48
N PRO A 271 -25.00 2.43 17.69
CA PRO A 271 -24.47 3.49 18.57
C PRO A 271 -23.02 3.29 18.97
N GLU A 272 -22.59 2.03 19.16
CA GLU A 272 -21.26 1.75 19.69
C GLU A 272 -20.15 2.33 18.81
N PHE A 273 -20.19 2.04 17.50
CA PHE A 273 -19.11 2.47 16.60
C PHE A 273 -19.21 3.94 16.20
N THR A 274 -20.41 4.48 16.01
CA THR A 274 -20.58 5.82 15.45
C THR A 274 -20.46 6.94 16.49
N ALA A 275 -20.05 6.64 17.72
CA ALA A 275 -20.02 7.64 18.78
C ALA A 275 -19.12 8.82 18.42
N GLY A 276 -17.91 8.54 17.94
CA GLY A 276 -16.98 9.62 17.69
C GLY A 276 -17.34 10.55 16.56
N LEU A 277 -18.33 10.20 15.74
CA LEU A 277 -18.65 11.00 14.57
C LEU A 277 -19.34 12.31 14.94
N SER A 278 -19.03 13.36 14.19
CA SER A 278 -19.68 14.64 14.36
C SER A 278 -21.15 14.58 13.94
N SER A 279 -21.90 15.56 14.46
CA SER A 279 -23.34 15.63 14.19
C SER A 279 -23.61 15.77 12.70
N GLU A 280 -22.81 16.57 11.99
CA GLU A 280 -23.02 16.72 10.55
C GLU A 280 -22.82 15.41 9.81
N LEU A 281 -21.76 14.66 10.14
CA LEU A 281 -21.52 13.42 9.43
C LEU A 281 -22.58 12.38 9.77
N ARG A 282 -22.93 12.27 11.05
CA ARG A 282 -23.96 11.32 11.46
C ARG A 282 -25.28 11.60 10.74
N SER A 283 -25.68 12.87 10.65
CA SER A 283 -26.93 13.23 9.98
C SER A 283 -26.88 12.91 8.49
N VAL A 284 -25.74 13.16 7.85
CA VAL A 284 -25.61 12.79 6.45
C VAL A 284 -25.70 11.28 6.30
N LEU A 285 -25.08 10.53 7.22
CA LEU A 285 -25.14 9.08 7.14
C LEU A 285 -26.57 8.55 7.26
N VAL A 286 -27.37 9.11 8.17
CA VAL A 286 -28.76 8.66 8.30
C VAL A 286 -29.51 8.85 6.98
N MET A 287 -29.28 9.97 6.30
CA MET A 287 -29.99 10.22 5.06
C MET A 287 -29.61 9.24 3.96
N MET A 288 -28.31 8.92 3.86
CA MET A 288 -27.81 8.00 2.84
C MET A 288 -28.26 6.57 3.11
N LEU A 289 -28.37 6.20 4.38
CA LEU A 289 -28.75 4.85 4.79
C LEU A 289 -30.26 4.67 4.94
N GLU A 290 -31.04 5.56 4.36
CA GLU A 290 -32.50 5.47 4.41
C GLU A 290 -32.97 4.20 3.71
N PRO A 291 -33.63 3.28 4.41
CA PRO A 291 -33.99 2.00 3.77
C PRO A 291 -34.92 2.17 2.59
N ASP A 292 -35.83 3.14 2.63
CA ASP A 292 -36.79 3.31 1.54
C ASP A 292 -36.14 4.09 0.39
N PRO A 293 -35.93 3.45 -0.75
CA PRO A 293 -35.29 4.17 -1.87
C PRO A 293 -36.12 5.36 -2.34
N LYS A 294 -37.44 5.35 -2.12
CA LYS A 294 -38.27 6.51 -2.43
C LYS A 294 -37.87 7.73 -1.62
N LEU A 295 -37.40 7.53 -0.39
CA LEU A 295 -37.07 8.62 0.52
C LEU A 295 -35.59 8.92 0.62
N ARG A 296 -34.71 8.08 0.06
CA ARG A 296 -33.28 8.29 0.24
C ARG A 296 -32.80 9.51 -0.54
N ALA A 297 -31.91 10.27 0.07
CA ALA A 297 -31.34 11.43 -0.60
C ALA A 297 -30.62 11.05 -1.89
N THR A 298 -30.72 11.91 -2.88
CA THR A 298 -29.93 11.74 -4.09
C THR A 298 -28.57 12.39 -3.90
N ALA A 299 -27.64 12.06 -4.79
CA ALA A 299 -26.31 12.63 -4.70
C ALA A 299 -26.35 14.14 -4.93
N GLU A 300 -27.08 14.58 -5.95
CA GLU A 300 -27.23 16.02 -6.17
CA GLU A 300 -27.23 16.02 -6.17
C GLU A 300 -27.73 16.73 -4.92
N ALA A 301 -28.60 16.08 -4.14
CA ALA A 301 -29.18 16.75 -2.98
C ALA A 301 -28.18 16.85 -1.85
N LEU A 302 -27.46 15.76 -1.57
CA LEU A 302 -26.44 15.80 -0.53
C LEU A 302 -25.38 16.82 -0.85
N LEU A 303 -24.97 16.92 -2.12
CA LEU A 303 -23.94 17.87 -2.49
C LEU A 303 -24.37 19.32 -2.27
N ALA A 304 -25.68 19.59 -2.16
CA ALA A 304 -26.18 20.94 -1.88
C ALA A 304 -26.29 21.23 -0.38
N LEU A 305 -26.01 20.26 0.47
CA LEU A 305 -26.05 20.52 1.90
C LEU A 305 -24.87 21.43 2.27
N PRO A 306 -24.99 22.22 3.33
CA PRO A 306 -23.90 23.16 3.68
C PRO A 306 -22.49 22.52 3.76
N VAL A 307 -22.33 21.41 4.46
CA VAL A 307 -20.98 20.86 4.62
C VAL A 307 -20.39 20.43 3.29
N LEU A 308 -21.22 19.92 2.39
CA LEU A 308 -20.70 19.39 1.13
C LEU A 308 -20.64 20.40 0.00
N ARG A 309 -21.20 21.60 0.17
CA ARG A 309 -21.34 22.54 -0.94
C ARG A 309 -20.12 23.42 -1.12
N GLN A 310 -18.99 23.06 -0.54
CA GLN A 310 -17.74 23.80 -0.73
C GLN A 310 -17.28 23.74 -2.18
N LEU B 26 13.88 -34.70 13.05
CA LEU B 26 13.96 -33.26 12.95
C LEU B 26 12.92 -32.60 13.85
N GLN B 27 13.36 -31.61 14.64
CA GLN B 27 12.51 -30.88 15.57
C GLN B 27 12.92 -29.42 15.57
N PRO B 28 11.95 -28.51 15.75
CA PRO B 28 12.30 -27.09 15.83
C PRO B 28 12.90 -26.75 17.20
N ARG B 29 13.97 -25.97 17.17
CA ARG B 29 14.73 -25.61 18.37
C ARG B 29 14.79 -24.10 18.46
N ARG B 30 14.54 -23.56 19.66
CA ARG B 30 14.53 -22.12 19.82
C ARG B 30 15.92 -21.52 19.68
N VAL B 31 15.96 -20.31 19.12
CA VAL B 31 17.19 -19.54 18.95
C VAL B 31 17.10 -18.31 19.84
N SER B 32 18.09 -18.17 20.72
CA SER B 32 18.20 -17.01 21.60
C SER B 32 19.61 -16.96 22.13
N PHE B 33 20.02 -15.78 22.58
CA PHE B 33 21.37 -15.56 23.06
C PHE B 33 21.42 -15.30 24.57
N ARG B 34 20.49 -15.92 25.30
CA ARG B 34 20.55 -16.02 26.75
C ARG B 34 21.20 -17.30 27.24
N GLY B 35 21.66 -18.18 26.33
CA GLY B 35 22.27 -19.45 26.70
C GLY B 35 21.32 -20.63 26.73
N GLU B 36 20.01 -20.38 26.59
CA GLU B 36 18.99 -21.42 26.71
C GLU B 36 19.04 -22.37 25.52
N ALA B 37 18.89 -23.67 25.83
CA ALA B 37 18.99 -24.70 24.80
C ALA B 37 17.75 -24.75 23.91
N SER B 38 16.56 -24.86 24.52
CA SER B 38 15.30 -24.88 23.78
C SER B 38 14.12 -24.50 24.67
N GLU B 39 14.34 -23.53 25.57
CA GLU B 39 13.38 -23.01 26.56
C GLU B 39 12.01 -23.72 26.61
N PRO B 44 1.45 -25.40 22.76
CA PRO B 44 0.59 -26.46 22.24
C PRO B 44 0.29 -26.32 20.75
N GLY B 45 -0.63 -27.16 20.27
CA GLY B 45 -1.01 -27.14 18.87
C GLY B 45 -0.02 -27.81 17.93
N TYR B 46 1.11 -28.28 18.44
CA TYR B 46 2.15 -28.94 17.64
C TYR B 46 2.42 -30.35 18.18
N ASP B 47 2.34 -31.36 17.31
CA ASP B 47 2.67 -32.74 17.69
C ASP B 47 3.93 -33.22 16.98
N PRO B 48 5.02 -33.49 17.69
CA PRO B 48 6.26 -33.92 17.02
C PRO B 48 6.07 -35.17 16.15
N SER B 49 5.07 -36.00 16.45
CA SER B 49 4.87 -37.24 15.70
C SER B 49 4.51 -36.95 14.24
N ARG B 50 3.71 -35.93 13.98
CA ARG B 50 3.32 -35.61 12.62
C ARG B 50 4.55 -35.23 11.79
N PRO B 51 4.57 -35.58 10.50
CA PRO B 51 5.72 -35.21 9.66
C PRO B 51 5.79 -33.73 9.28
N GLU B 52 4.65 -33.03 9.24
CA GLU B 52 4.63 -31.63 8.80
C GLU B 52 5.42 -30.74 9.75
N SER B 53 6.17 -29.80 9.18
CA SER B 53 7.07 -28.97 9.99
C SER B 53 6.27 -28.15 11.00
N PHE B 54 6.99 -27.67 12.02
CA PHE B 54 6.34 -26.85 13.03
C PHE B 54 5.75 -25.59 12.42
N PHE B 55 6.35 -25.11 11.34
CA PHE B 55 5.84 -23.91 10.71
C PHE B 55 4.44 -24.13 10.17
N GLN B 56 4.18 -25.29 9.57
CA GLN B 56 2.83 -25.61 9.14
C GLN B 56 1.90 -25.85 10.32
N GLN B 57 2.41 -26.41 11.40
CA GLN B 57 1.55 -26.91 12.46
C GLN B 57 0.95 -25.80 13.33
N SER B 58 1.69 -24.73 13.57
CA SER B 58 1.27 -23.71 14.51
C SER B 58 0.78 -22.42 13.85
N PHE B 59 0.64 -22.37 12.51
CA PHE B 59 0.27 -21.14 11.83
C PHE B 59 -0.54 -21.46 10.59
N GLN B 60 -1.33 -20.48 10.15
CA GLN B 60 -1.93 -20.49 8.82
C GLN B 60 -1.30 -19.39 7.99
N ARG B 61 -0.77 -19.74 6.82
CA ARG B 61 -0.13 -18.78 5.91
C ARG B 61 -1.22 -17.98 5.20
N LEU B 62 -1.40 -16.72 5.61
CA LEU B 62 -2.39 -15.86 4.97
C LEU B 62 -1.91 -15.31 3.63
N SER B 63 -0.66 -14.87 3.55
CA SER B 63 -0.13 -14.34 2.30
C SER B 63 1.38 -14.25 2.39
N ARG B 64 2.01 -14.01 1.24
CA ARG B 64 3.45 -13.83 1.13
C ARG B 64 3.76 -12.34 1.03
N LEU B 65 4.36 -11.78 2.08
CA LEU B 65 4.69 -10.36 2.10
C LEU B 65 5.92 -10.04 1.25
N GLY B 66 6.86 -10.97 1.12
CA GLY B 66 8.05 -10.71 0.32
C GLY B 66 8.83 -11.97 0.10
N HIS B 67 9.79 -11.89 -0.82
CA HIS B 67 10.69 -13.00 -1.08
C HIS B 67 11.95 -12.47 -1.76
N GLY B 68 13.01 -13.25 -1.66
CA GLY B 68 14.29 -12.85 -2.23
C GLY B 68 15.34 -13.89 -1.90
N SER B 69 16.61 -13.50 -2.07
CA SER B 69 17.71 -14.42 -1.78
C SER B 69 17.73 -14.83 -0.32
N TYR B 70 17.23 -13.97 0.58
CA TYR B 70 17.16 -14.32 1.99
C TYR B 70 16.17 -15.44 2.25
N GLY B 71 15.15 -15.57 1.41
CA GLY B 71 14.06 -16.49 1.64
C GLY B 71 12.73 -15.80 1.39
N GLU B 72 11.78 -15.95 2.31
CA GLU B 72 10.43 -15.44 2.13
C GLU B 72 9.88 -14.95 3.45
N VAL B 73 8.89 -14.05 3.36
CA VAL B 73 8.18 -13.51 4.51
C VAL B 73 6.71 -13.70 4.28
N PHE B 74 6.01 -14.25 5.27
CA PHE B 74 4.59 -14.49 5.16
C PHE B 74 3.87 -13.73 6.26
N LYS B 75 2.66 -13.26 5.97
CA LYS B 75 1.74 -12.87 7.02
C LYS B 75 1.00 -14.11 7.48
N VAL B 76 0.87 -14.26 8.80
CA VAL B 76 0.34 -15.49 9.40
C VAL B 76 -0.56 -15.11 10.58
N ARG B 77 -1.36 -16.09 11.02
CA ARG B 77 -2.19 -15.97 12.22
C ARG B 77 -1.74 -17.03 13.23
N SER B 78 -1.62 -16.64 14.50
CA SER B 78 -1.15 -17.54 15.55
C SER B 78 -2.29 -18.34 16.13
N LYS B 79 -1.95 -19.51 16.67
CA LYS B 79 -2.92 -20.37 17.35
C LYS B 79 -2.81 -20.31 18.86
N GLU B 80 -1.71 -19.78 19.41
CA GLU B 80 -1.65 -19.53 20.85
C GLU B 80 -2.61 -18.42 21.24
N ASP B 81 -2.60 -17.33 20.49
CA ASP B 81 -3.51 -16.21 20.69
C ASP B 81 -4.22 -15.94 19.37
N GLY B 82 -5.20 -15.06 19.40
CA GLY B 82 -5.86 -14.64 18.18
C GLY B 82 -5.06 -13.61 17.41
N ARG B 83 -3.77 -13.46 17.74
CA ARG B 83 -2.95 -12.39 17.18
C ARG B 83 -2.38 -12.72 15.81
N LEU B 84 -2.01 -11.64 15.09
CA LEU B 84 -1.45 -11.67 13.75
C LEU B 84 0.05 -11.42 13.80
N TYR B 85 0.80 -12.12 12.95
CA TYR B 85 2.24 -12.01 12.94
C TYR B 85 2.77 -12.09 11.51
N ALA B 86 4.06 -11.78 11.38
CA ALA B 86 4.84 -11.98 10.15
C ALA B 86 6.00 -12.92 10.45
N VAL B 87 6.32 -13.80 9.50
CA VAL B 87 7.39 -14.77 9.69
C VAL B 87 8.32 -14.74 8.50
N LYS B 88 9.62 -14.59 8.76
CA LYS B 88 10.64 -14.66 7.74
C LYS B 88 11.34 -16.01 7.88
N ARG B 89 11.58 -16.68 6.76
CA ARG B 89 12.23 -17.97 6.76
C ARG B 89 13.33 -17.99 5.70
N SER B 90 14.46 -18.58 6.04
CA SER B 90 15.56 -18.65 5.09
C SER B 90 15.19 -19.54 3.90
N MET B 91 15.89 -19.33 2.78
CA MET B 91 15.55 -20.03 1.54
C MET B 91 15.92 -21.51 1.62
N SER B 92 17.18 -21.82 1.88
CA SER B 92 17.72 -23.16 1.81
C SER B 92 18.53 -23.51 3.06
N PRO B 93 18.71 -24.80 3.34
CA PRO B 93 19.33 -25.19 4.61
C PRO B 93 20.79 -24.74 4.71
N PHE B 94 21.23 -24.54 5.95
CA PHE B 94 22.56 -24.03 6.28
C PHE B 94 23.65 -24.77 5.50
N ARG B 95 24.47 -24.03 4.76
CA ARG B 95 25.55 -24.68 4.02
C ARG B 95 26.62 -25.21 4.98
N GLY B 96 26.92 -24.46 6.03
CA GLY B 96 27.97 -24.79 6.94
C GLY B 96 27.81 -24.12 8.29
N PRO B 97 28.79 -24.30 9.17
CA PRO B 97 28.69 -23.65 10.49
C PRO B 97 28.77 -22.14 10.45
N LYS B 98 29.60 -21.57 9.57
CA LYS B 98 29.65 -20.10 9.46
C LYS B 98 28.35 -19.57 8.88
N ASP B 99 27.81 -20.22 7.85
CA ASP B 99 26.54 -19.77 7.29
C ASP B 99 25.44 -19.79 8.34
N ARG B 100 25.42 -20.84 9.17
CA ARG B 100 24.46 -20.90 10.27
C ARG B 100 24.65 -19.75 11.25
N ALA B 101 25.90 -19.49 11.68
CA ALA B 101 26.16 -18.41 12.65
C ALA B 101 25.79 -17.05 12.09
N ARG B 102 26.08 -16.83 10.81
CA ARG B 102 25.72 -15.58 10.17
C ARG B 102 24.21 -15.39 10.16
N LYS B 103 23.44 -16.44 9.81
CA LYS B 103 21.99 -16.27 9.80
C LYS B 103 21.45 -16.10 11.21
N LEU B 104 21.95 -16.90 12.16
CA LEU B 104 21.48 -16.79 13.54
C LEU B 104 21.87 -15.47 14.19
N ALA B 105 22.92 -14.80 13.72
CA ALA B 105 23.32 -13.54 14.33
C ALA B 105 22.20 -12.50 14.25
N GLU B 106 21.32 -12.59 13.25
CA GLU B 106 20.22 -11.62 13.15
C GLU B 106 19.36 -11.69 14.39
N VAL B 107 19.10 -12.90 14.89
CA VAL B 107 18.32 -13.03 16.10
C VAL B 107 19.00 -12.32 17.25
N GLY B 108 20.31 -12.55 17.40
CA GLY B 108 21.04 -11.90 18.48
C GLY B 108 21.04 -10.38 18.36
N SER B 109 21.31 -9.86 17.17
CA SER B 109 21.26 -8.42 16.96
C SER B 109 19.88 -7.87 17.29
N HIS B 110 18.84 -8.59 16.89
CA HIS B 110 17.46 -8.16 17.13
C HIS B 110 17.15 -8.13 18.64
N GLU B 111 17.72 -9.08 19.40
CA GLU B 111 17.53 -9.10 20.85
C GLU B 111 18.28 -7.96 21.55
N LYS B 112 19.48 -7.63 21.07
CA LYS B 112 20.23 -6.51 21.66
C LYS B 112 19.46 -5.20 21.50
N VAL B 113 18.77 -5.05 20.37
CA VAL B 113 17.92 -3.88 20.19
C VAL B 113 16.84 -3.86 21.26
N GLY B 114 16.15 -4.98 21.43
CA GLY B 114 15.14 -5.08 22.44
C GLY B 114 13.83 -4.44 22.02
N GLN B 115 13.03 -4.17 23.04
CA GLN B 115 11.70 -3.61 22.84
C GLN B 115 11.79 -2.10 22.74
N HIS B 116 11.30 -1.55 21.64
CA HIS B 116 11.23 -0.12 21.51
C HIS B 116 10.10 0.22 20.55
N PRO B 117 9.35 1.28 20.82
CA PRO B 117 8.17 1.57 19.98
C PRO B 117 8.47 1.78 18.53
N CYS B 118 9.68 2.28 18.19
CA CYS B 118 10.03 2.54 16.81
C CYS B 118 10.91 1.45 16.22
N CYS B 119 10.95 0.27 16.84
CA CYS B 119 11.68 -0.87 16.29
C CYS B 119 10.72 -2.03 16.12
N VAL B 120 10.85 -2.72 15.01
CA VAL B 120 10.05 -3.92 14.77
C VAL B 120 10.39 -4.95 15.83
N ARG B 121 9.35 -5.46 16.50
CA ARG B 121 9.51 -6.33 17.66
C ARG B 121 9.56 -7.78 17.22
N LEU B 122 10.55 -8.51 17.71
CA LEU B 122 10.65 -9.93 17.44
C LEU B 122 9.89 -10.68 18.53
N GLU B 123 9.02 -11.60 18.11
CA GLU B 123 8.28 -12.45 19.05
C GLU B 123 9.13 -13.63 19.50
N GLN B 124 9.61 -14.43 18.53
CA GLN B 124 10.40 -15.62 18.84
C GLN B 124 11.06 -16.09 17.56
N ALA B 125 12.08 -16.93 17.73
CA ALA B 125 12.85 -17.43 16.61
C ALA B 125 13.25 -18.88 16.87
N TRP B 126 13.35 -19.66 15.79
CA TRP B 126 13.64 -21.08 15.92
C TRP B 126 14.23 -21.59 14.62
N GLU B 127 14.83 -22.78 14.69
CA GLU B 127 15.41 -23.44 13.54
C GLU B 127 14.86 -24.85 13.41
N GLU B 128 14.68 -25.30 12.18
CA GLU B 128 14.24 -26.68 11.94
C GLU B 128 14.70 -27.12 10.57
N GLY B 129 15.30 -28.30 10.48
CA GLY B 129 15.78 -28.80 9.18
C GLY B 129 16.81 -27.91 8.52
N GLY B 130 17.59 -27.17 9.31
CA GLY B 130 18.52 -26.23 8.74
C GLY B 130 17.89 -24.95 8.24
N ILE B 131 16.64 -24.67 8.60
CA ILE B 131 15.91 -23.47 8.19
C ILE B 131 15.71 -22.59 9.42
N LEU B 132 16.00 -21.29 9.27
CA LEU B 132 15.76 -20.30 10.33
C LEU B 132 14.44 -19.57 10.12
N TYR B 133 13.68 -19.41 11.20
CA TYR B 133 12.40 -18.72 11.19
C TYR B 133 12.44 -17.58 12.20
N LEU B 134 12.02 -16.39 11.79
CA LEU B 134 11.87 -15.26 12.69
C LEU B 134 10.42 -14.82 12.71
N GLN B 135 9.82 -14.81 13.89
CA GLN B 135 8.44 -14.37 14.07
C GLN B 135 8.45 -12.98 14.70
N THR B 136 7.82 -12.02 14.01
CA THR B 136 7.69 -10.65 14.49
C THR B 136 6.26 -10.22 14.44
N GLU B 137 5.99 -9.08 15.07
CA GLU B 137 4.71 -8.41 14.91
C GLU B 137 4.47 -8.10 13.44
N LEU B 138 3.20 -8.04 13.04
CA LEU B 138 2.87 -7.62 11.69
C LEU B 138 2.91 -6.10 11.59
N CYS B 139 3.51 -5.61 10.51
CA CYS B 139 3.64 -4.19 10.21
C CYS B 139 3.01 -3.93 8.85
N GLY B 140 2.80 -2.65 8.54
CA GLY B 140 2.23 -2.27 7.27
C GLY B 140 3.29 -2.29 6.18
N PRO B 141 3.01 -1.64 5.06
CA PRO B 141 4.00 -1.62 3.98
C PRO B 141 5.28 -0.93 4.43
N SER B 142 6.36 -1.29 3.74
CA SER B 142 7.59 -0.55 3.94
C SER B 142 7.42 0.85 3.33
N LEU B 143 8.26 1.75 3.80
CA LEU B 143 8.29 3.09 3.25
C LEU B 143 8.58 3.03 1.76
N GLN B 144 9.40 2.07 1.34
CA GLN B 144 9.68 1.91 -0.08
C GLN B 144 8.41 1.57 -0.86
N GLN B 145 7.65 0.60 -0.35
CA GLN B 145 6.38 0.25 -1.01
C GLN B 145 5.40 1.41 -0.95
N HIS B 146 5.35 2.11 0.19
CA HIS B 146 4.43 3.23 0.35
C HIS B 146 4.69 4.33 -0.67
N CYS B 147 5.97 4.66 -0.90
CA CYS B 147 6.31 5.70 -1.87
C CYS B 147 6.07 5.26 -3.30
N GLU B 148 6.39 4.00 -3.62
CA GLU B 148 6.08 3.50 -4.95
C GLU B 148 4.59 3.59 -5.24
N ALA B 149 3.74 3.28 -4.25
CA ALA B 149 2.30 3.35 -4.48
C ALA B 149 1.84 4.78 -4.72
N TRP B 150 2.38 5.74 -3.97
CA TRP B 150 1.95 7.11 -4.19
C TRP B 150 2.61 7.70 -5.43
N GLY B 151 3.79 7.23 -5.80
CA GLY B 151 4.37 7.68 -7.05
C GLY B 151 4.69 9.15 -7.07
N ALA B 152 4.96 9.73 -5.90
CA ALA B 152 5.25 11.15 -5.81
C ALA B 152 5.92 11.42 -4.48
N SER B 153 6.44 12.64 -4.34
CA SER B 153 7.05 13.06 -3.09
C SER B 153 6.01 13.00 -1.98
N LEU B 154 6.40 12.44 -0.84
CA LEU B 154 5.49 12.46 0.29
C LEU B 154 5.29 13.90 0.79
N PRO B 155 4.11 14.22 1.32
CA PRO B 155 3.91 15.55 1.92
C PRO B 155 4.84 15.74 3.09
N GLU B 156 5.36 16.96 3.21
CA GLU B 156 6.40 17.23 4.20
C GLU B 156 5.95 16.87 5.62
N ALA B 157 4.68 17.10 5.95
CA ALA B 157 4.23 16.78 7.30
C ALA B 157 4.46 15.29 7.61
N GLN B 158 4.12 14.41 6.68
CA GLN B 158 4.29 12.98 6.88
C GLN B 158 5.78 12.61 6.91
N VAL B 159 6.59 13.27 6.09
CA VAL B 159 8.03 13.04 6.11
C VAL B 159 8.61 13.37 7.49
N TRP B 160 8.16 14.48 8.10
CA TRP B 160 8.70 14.85 9.42
C TRP B 160 8.39 13.77 10.45
N GLY B 161 7.19 13.18 10.37
CA GLY B 161 6.87 12.09 11.28
C GLY B 161 7.80 10.90 11.09
N TYR B 162 8.02 10.50 9.84
CA TYR B 162 8.91 9.34 9.61
C TYR B 162 10.33 9.66 10.00
N LEU B 163 10.80 10.88 9.68
CA LEU B 163 12.13 11.30 10.13
C LEU B 163 12.24 11.22 11.64
N ARG B 164 11.23 11.71 12.35
CA ARG B 164 11.30 11.70 13.81
C ARG B 164 11.30 10.27 14.34
N ASP B 165 10.37 9.43 13.87
CA ASP B 165 10.30 8.06 14.38
C ASP B 165 11.60 7.28 14.11
N THR B 166 12.19 7.42 12.94
CA THR B 166 13.42 6.69 12.66
C THR B 166 14.60 7.22 13.50
N LEU B 167 14.64 8.54 13.73
CA LEU B 167 15.66 9.11 14.61
C LEU B 167 15.53 8.57 16.04
N LEU B 168 14.31 8.41 16.51
CA LEU B 168 14.10 7.78 17.81
C LEU B 168 14.65 6.36 17.82
N ALA B 169 14.37 5.58 16.77
CA ALA B 169 14.92 4.23 16.68
C ALA B 169 16.44 4.28 16.73
N LEU B 170 17.03 5.18 15.92
CA LEU B 170 18.48 5.27 15.84
C LEU B 170 19.09 5.73 17.16
N ALA B 171 18.45 6.66 17.85
CA ALA B 171 18.97 7.05 19.17
C ALA B 171 18.95 5.87 20.13
N HIS B 172 17.88 5.08 20.10
CA HIS B 172 17.84 3.89 20.94
C HIS B 172 18.97 2.92 20.58
N LEU B 173 19.22 2.69 19.28
CA LEU B 173 20.32 1.79 18.92
C LEU B 173 21.67 2.40 19.30
N HIS B 174 21.85 3.68 18.98
CA HIS B 174 23.15 4.31 19.16
C HIS B 174 23.53 4.45 20.62
N SER B 175 22.55 4.66 21.50
CA SER B 175 22.87 4.75 22.92
C SER B 175 23.47 3.46 23.45
N GLN B 176 23.22 2.33 22.78
CA GLN B 176 23.75 1.03 23.18
C GLN B 176 24.99 0.61 22.41
N GLY B 177 25.61 1.51 21.65
CA GLY B 177 26.76 1.11 20.87
C GLY B 177 26.43 0.26 19.66
N LEU B 178 25.21 0.36 19.14
CA LEU B 178 24.78 -0.44 17.99
C LEU B 178 24.67 0.44 16.74
N VAL B 179 25.21 -0.05 15.63
CA VAL B 179 25.11 0.59 14.33
C VAL B 179 24.31 -0.32 13.41
N HIS B 180 23.26 0.25 12.79
CA HIS B 180 22.33 -0.55 12.00
C HIS B 180 22.94 -0.94 10.66
N LEU B 181 23.50 0.02 9.94
CA LEU B 181 24.24 -0.12 8.69
C LEU B 181 23.37 -0.45 7.49
N ASP B 182 22.06 -0.46 7.63
CA ASP B 182 21.23 -0.77 6.47
C ASP B 182 19.97 0.05 6.56
N VAL B 183 20.09 1.34 6.92
CA VAL B 183 18.94 2.25 7.00
C VAL B 183 18.52 2.64 5.60
N LYS B 184 17.27 2.39 5.23
CA LYS B 184 16.79 2.68 3.89
C LYS B 184 15.28 2.41 3.85
N PRO B 185 14.59 2.96 2.84
CA PRO B 185 13.11 2.84 2.83
C PRO B 185 12.62 1.40 2.89
N ALA B 186 13.33 0.45 2.28
CA ALA B 186 12.90 -0.96 2.34
C ALA B 186 12.91 -1.49 3.77
N ASN B 187 13.66 -0.87 4.69
CA ASN B 187 13.81 -1.40 6.03
C ASN B 187 13.06 -0.58 7.08
N ILE B 188 12.18 0.32 6.64
CA ILE B 188 11.32 1.11 7.52
C ILE B 188 9.89 0.75 7.19
N PHE B 189 9.11 0.39 8.20
CA PHE B 189 7.77 -0.17 8.03
C PHE B 189 6.71 0.71 8.68
N LEU B 190 5.60 0.93 7.97
CA LEU B 190 4.55 1.78 8.50
C LEU B 190 3.75 1.10 9.60
N GLY B 191 3.41 1.87 10.62
CA GLY B 191 2.54 1.45 11.69
C GLY B 191 1.30 2.31 11.61
N PRO B 192 0.35 2.10 12.51
CA PRO B 192 -0.92 2.86 12.42
C PRO B 192 -0.74 4.36 12.67
N ARG B 193 -1.60 5.14 12.01
CA ARG B 193 -1.71 6.58 12.26
C ARG B 193 -0.42 7.33 11.92
N GLY B 194 0.21 6.97 10.82
CA GLY B 194 1.35 7.74 10.35
C GLY B 194 2.67 7.50 11.08
N ARG B 195 2.75 6.50 11.96
CA ARG B 195 3.99 6.13 12.63
C ARG B 195 4.79 5.13 11.77
N CYS B 196 6.06 4.93 12.11
CA CYS B 196 6.81 3.91 11.38
C CYS B 196 7.89 3.31 12.27
N LYS B 197 8.36 2.13 11.87
CA LYS B 197 9.30 1.34 12.67
C LYS B 197 10.50 0.90 11.83
N LEU B 198 11.67 0.97 12.45
CA LEU B 198 12.89 0.49 11.84
C LEU B 198 13.00 -1.03 11.98
N GLY B 199 13.30 -1.71 10.88
CA GLY B 199 13.47 -3.15 10.93
C GLY B 199 14.70 -3.68 10.23
N ASP B 200 14.77 -5.01 10.09
CA ASP B 200 15.85 -5.76 9.44
C ASP B 200 17.20 -5.48 10.06
N PHE B 201 17.49 -6.16 11.17
CA PHE B 201 18.72 -5.97 11.91
C PHE B 201 19.80 -6.97 11.52
N GLY B 202 19.72 -7.52 10.31
CA GLY B 202 20.70 -8.49 9.85
C GLY B 202 22.10 -7.94 9.69
N LEU B 203 22.24 -6.65 9.39
CA LEU B 203 23.57 -6.03 9.25
C LEU B 203 24.03 -5.28 10.48
N LEU B 204 23.24 -5.29 11.55
CA LEU B 204 23.63 -4.56 12.75
C LEU B 204 24.93 -5.09 13.32
N VAL B 205 25.79 -4.18 13.81
CA VAL B 205 27.02 -4.53 14.52
C VAL B 205 27.07 -3.77 15.83
N GLU B 206 27.71 -4.39 16.82
CA GLU B 206 27.95 -3.77 18.11
C GLU B 206 29.41 -3.31 18.11
N LEU B 207 29.61 -2.02 18.37
CA LEU B 207 30.96 -1.46 18.26
C LEU B 207 31.90 -2.02 19.31
N GLY B 208 33.14 -2.27 18.91
CA GLY B 208 34.13 -2.85 19.78
C GLY B 208 34.20 -4.37 19.72
N THR B 209 33.07 -5.03 19.52
CA THR B 209 33.03 -6.47 19.23
C THR B 209 33.17 -6.75 17.74
N ALA B 210 32.98 -5.75 16.88
CA ALA B 210 33.28 -5.85 15.46
C ALA B 210 33.74 -4.49 14.92
N GLU B 214 31.17 -8.74 12.85
CA GLU B 214 31.38 -8.96 11.43
C GLU B 214 30.53 -8.01 10.62
N VAL B 215 31.08 -7.53 9.50
CA VAL B 215 30.43 -6.54 8.66
C VAL B 215 30.14 -7.17 7.31
N GLN B 216 28.92 -6.98 6.82
CA GLN B 216 28.52 -7.37 5.48
C GLN B 216 28.44 -6.15 4.57
N GLU B 217 28.37 -6.42 3.26
CA GLU B 217 28.22 -5.33 2.30
C GLU B 217 26.83 -4.71 2.41
N GLY B 218 26.80 -3.38 2.42
CA GLY B 218 25.55 -2.64 2.46
C GLY B 218 25.12 -2.17 1.08
N ASP B 219 24.01 -1.45 1.07
CA ASP B 219 23.52 -0.87 -0.17
C ASP B 219 24.33 0.39 -0.46
N PRO B 220 25.13 0.41 -1.53
CA PRO B 220 25.98 1.61 -1.78
C PRO B 220 25.17 2.87 -1.99
N ARG B 221 23.92 2.75 -2.44
CA ARG B 221 23.10 3.94 -2.62
C ARG B 221 23.01 4.76 -1.35
N TYR B 222 22.96 4.10 -0.18
CA TYR B 222 22.72 4.81 1.07
C TYR B 222 23.98 4.89 1.94
N MET B 223 25.13 4.51 1.40
CA MET B 223 26.35 4.37 2.18
C MET B 223 26.98 5.72 2.49
N ALA B 224 27.30 5.93 3.76
CA ALA B 224 28.09 7.08 4.17
C ALA B 224 29.49 7.02 3.55
N PRO B 225 30.06 8.17 3.15
CA PRO B 225 31.35 8.15 2.44
C PRO B 225 32.51 7.57 3.22
N GLU B 226 32.53 7.69 4.56
CA GLU B 226 33.65 7.16 5.33
C GLU B 226 33.67 5.63 5.33
N LEU B 227 32.54 4.99 4.99
CA LEU B 227 32.54 3.53 4.94
C LEU B 227 33.46 3.01 3.84
N LEU B 228 33.63 3.78 2.76
CA LEU B 228 34.55 3.37 1.70
C LEU B 228 35.95 3.19 2.23
N GLN B 229 36.36 4.01 3.19
CA GLN B 229 37.67 3.89 3.80
C GLN B 229 37.63 2.99 5.04
N GLY B 230 36.52 2.33 5.32
CA GLY B 230 36.48 1.36 6.38
C GLY B 230 36.25 1.89 7.78
N SER B 231 35.87 3.16 7.94
CA SER B 231 35.61 3.69 9.28
C SER B 231 34.13 3.57 9.58
N TYR B 232 33.81 2.78 10.59
CA TYR B 232 32.45 2.46 10.99
C TYR B 232 32.14 3.23 12.27
N GLY B 233 30.91 3.69 12.37
CA GLY B 233 30.47 4.39 13.55
C GLY B 233 28.98 4.59 13.45
N THR B 234 28.41 5.09 14.54
CA THR B 234 26.98 5.42 14.55
C THR B 234 26.66 6.48 13.53
N ALA B 235 27.62 7.35 13.20
CA ALA B 235 27.36 8.43 12.25
C ALA B 235 26.97 7.92 10.87
N ALA B 236 27.37 6.69 10.51
CA ALA B 236 26.99 6.17 9.20
C ALA B 236 25.46 6.06 9.08
N ASP B 237 24.78 5.65 10.15
CA ASP B 237 23.33 5.51 10.10
C ASP B 237 22.66 6.85 9.84
N VAL B 238 23.20 7.91 10.45
CA VAL B 238 22.64 9.24 10.27
C VAL B 238 22.73 9.66 8.83
N PHE B 239 23.88 9.40 8.19
CA PHE B 239 23.99 9.74 6.77
C PHE B 239 22.96 8.98 5.94
N SER B 240 22.77 7.68 6.24
CA SER B 240 21.84 6.84 5.45
C SER B 240 20.41 7.32 5.60
N LEU B 241 19.99 7.65 6.83
CA LEU B 241 18.67 8.23 7.03
C LEU B 241 18.52 9.54 6.25
N GLY B 242 19.57 10.36 6.20
CA GLY B 242 19.50 11.60 5.42
C GLY B 242 19.22 11.35 3.94
N LEU B 243 19.94 10.40 3.33
CA LEU B 243 19.65 10.02 1.96
C LEU B 243 18.27 9.38 1.85
N THR B 244 17.86 8.61 2.86
CA THR B 244 16.54 8.01 2.84
C THR B 244 15.45 9.09 2.76
N ILE B 245 15.58 10.15 3.57
CA ILE B 245 14.60 11.24 3.58
C ILE B 245 14.65 12.01 2.26
N LEU B 246 15.85 12.28 1.76
CA LEU B 246 15.99 12.94 0.47
C LEU B 246 15.25 12.18 -0.63
N GLU B 247 15.38 10.85 -0.64
CA GLU B 247 14.74 10.05 -1.66
C GLU B 247 13.22 10.11 -1.56
N VAL B 248 12.68 10.02 -0.35
CA VAL B 248 11.24 9.94 -0.24
C VAL B 248 10.64 11.33 -0.26
N ALA B 249 11.35 12.34 0.27
CA ALA B 249 10.79 13.69 0.26
C ALA B 249 10.84 14.30 -1.13
N CYS B 250 11.77 13.85 -1.98
CA CYS B 250 11.91 14.40 -3.32
C CYS B 250 11.60 13.41 -4.44
N ASN B 251 11.14 12.20 -4.11
CA ASN B 251 10.87 11.19 -5.13
C ASN B 251 12.05 11.06 -6.10
N MET B 252 13.24 10.86 -5.54
CA MET B 252 14.48 10.90 -6.29
C MET B 252 15.17 9.54 -6.22
N GLU B 253 15.62 9.03 -7.37
CA GLU B 253 16.34 7.77 -7.43
C GLU B 253 17.83 8.01 -7.12
N LEU B 254 18.34 7.31 -6.11
CA LEU B 254 19.72 7.50 -5.67
C LEU B 254 20.66 6.71 -6.57
N PRO B 255 21.83 7.25 -6.88
CA PRO B 255 22.76 6.54 -7.76
C PRO B 255 23.60 5.51 -7.01
N HIS B 256 23.98 4.46 -7.75
CA HIS B 256 24.83 3.40 -7.24
C HIS B 256 26.31 3.78 -7.21
N GLY B 257 26.75 4.63 -8.12
CA GLY B 257 28.16 4.99 -8.18
C GLY B 257 28.35 6.13 -9.14
N GLY B 258 29.63 6.44 -9.41
CA GLY B 258 29.93 7.47 -10.39
C GLY B 258 29.75 8.88 -9.82
N GLU B 259 29.69 9.84 -10.75
CA GLU B 259 29.68 11.25 -10.35
C GLU B 259 28.44 11.59 -9.53
N GLY B 260 27.28 11.00 -9.88
CA GLY B 260 26.09 11.25 -9.09
C GLY B 260 26.26 10.82 -7.65
N TRP B 261 26.87 9.65 -7.44
CA TRP B 261 27.13 9.18 -6.08
C TRP B 261 28.03 10.16 -5.34
N GLN B 262 29.05 10.69 -6.02
CA GLN B 262 29.99 11.62 -5.39
C GLN B 262 29.34 12.99 -5.11
N GLN B 263 28.45 13.45 -5.99
CA GLN B 263 27.82 14.76 -5.81
C GLN B 263 27.05 14.85 -4.49
N LEU B 264 26.42 13.75 -4.08
CA LEU B 264 25.68 13.71 -2.83
C LEU B 264 26.59 13.62 -1.62
N ARG B 265 27.90 13.43 -1.82
CA ARG B 265 28.82 13.23 -0.70
C ARG B 265 29.84 14.35 -0.59
N GLN B 266 29.57 15.50 -1.22
CA GLN B 266 30.40 16.69 -1.11
C GLN B 266 29.82 17.73 -0.17
N GLY B 267 28.59 17.53 0.32
CA GLY B 267 27.94 18.47 1.19
C GLY B 267 27.04 19.47 0.51
N TYR B 268 26.79 19.32 -0.80
CA TYR B 268 25.94 20.23 -1.55
C TYR B 268 24.75 19.45 -2.10
N LEU B 269 23.55 19.90 -1.76
CA LEU B 269 22.34 19.27 -2.25
C LEU B 269 22.09 19.64 -3.72
N PRO B 270 21.49 18.73 -4.50
CA PRO B 270 21.09 19.06 -5.88
C PRO B 270 19.90 19.98 -5.89
N PRO B 271 20.03 21.18 -6.48
CA PRO B 271 18.97 22.18 -6.34
C PRO B 271 17.65 21.79 -6.99
N GLU B 272 17.71 21.08 -8.13
CA GLU B 272 16.49 20.79 -8.89
C GLU B 272 15.49 20.00 -8.05
N PHE B 273 15.96 18.93 -7.40
CA PHE B 273 15.07 18.09 -6.61
C PHE B 273 14.73 18.73 -5.27
N THR B 274 15.67 19.44 -4.67
CA THR B 274 15.47 20.02 -3.35
C THR B 274 14.72 21.36 -3.39
N ALA B 275 14.22 21.77 -4.56
CA ALA B 275 13.56 23.06 -4.66
C ALA B 275 12.33 23.11 -3.76
N GLY B 276 11.50 22.07 -3.80
CA GLY B 276 10.26 22.09 -3.06
C GLY B 276 10.42 22.04 -1.55
N LEU B 277 11.62 21.74 -1.06
CA LEU B 277 11.80 21.55 0.37
C LEU B 277 11.75 22.88 1.12
N SER B 278 11.14 22.84 2.30
CA SER B 278 11.13 23.98 3.21
C SER B 278 12.55 24.25 3.74
N SER B 279 12.75 25.47 4.25
CA SER B 279 14.04 25.87 4.78
C SER B 279 14.49 25.00 5.94
N GLU B 280 13.57 24.68 6.87
CA GLU B 280 13.93 23.82 7.99
C GLU B 280 14.37 22.45 7.51
N LEU B 281 13.62 21.84 6.59
CA LEU B 281 13.97 20.49 6.14
C LEU B 281 15.28 20.50 5.38
N ARG B 282 15.50 21.49 4.50
CA ARG B 282 16.78 21.57 3.82
CA ARG B 282 16.78 21.59 3.82
C ARG B 282 17.92 21.68 4.82
N SER B 283 17.74 22.48 5.87
CA SER B 283 18.75 22.67 6.90
C SER B 283 19.02 21.39 7.68
N VAL B 284 17.98 20.64 8.02
CA VAL B 284 18.21 19.35 8.70
C VAL B 284 18.97 18.39 7.81
N LEU B 285 18.60 18.33 6.53
CA LEU B 285 19.28 17.41 5.61
C LEU B 285 20.76 17.77 5.46
N VAL B 286 21.08 19.07 5.38
CA VAL B 286 22.49 19.47 5.26
C VAL B 286 23.29 18.94 6.45
N MET B 287 22.72 19.01 7.66
CA MET B 287 23.39 18.49 8.83
C MET B 287 23.57 16.98 8.76
N MET B 288 22.54 16.26 8.31
CA MET B 288 22.65 14.79 8.24
C MET B 288 23.62 14.34 7.17
N LEU B 289 23.76 15.11 6.08
CA LEU B 289 24.61 14.74 4.96
C LEU B 289 26.02 15.31 5.06
N GLU B 290 26.44 15.74 6.25
CA GLU B 290 27.79 16.28 6.45
C GLU B 290 28.83 15.20 6.18
N PRO B 291 29.69 15.37 5.17
CA PRO B 291 30.62 14.30 4.79
C PRO B 291 31.58 13.86 5.89
N ASP B 292 32.03 14.77 6.74
CA ASP B 292 32.96 14.39 7.81
C ASP B 292 32.22 13.78 9.00
N PRO B 293 32.39 12.48 9.28
CA PRO B 293 31.63 11.90 10.40
C PRO B 293 31.91 12.59 11.73
N LYS B 294 33.10 13.18 11.89
CA LYS B 294 33.43 13.93 13.11
C LYS B 294 32.49 15.13 13.30
N LEU B 295 32.05 15.75 12.21
CA LEU B 295 31.22 16.94 12.30
C LEU B 295 29.73 16.66 12.12
N ARG B 296 29.35 15.44 11.69
CA ARG B 296 27.94 15.15 11.38
C ARG B 296 27.08 15.11 12.63
N ALA B 297 25.87 15.66 12.54
CA ALA B 297 24.96 15.65 13.68
C ALA B 297 24.68 14.24 14.17
N THR B 298 24.52 14.10 15.48
CA THR B 298 24.03 12.85 16.04
C THR B 298 22.50 12.84 16.06
N ALA B 299 21.94 11.64 16.29
CA ALA B 299 20.49 11.50 16.37
C ALA B 299 19.91 12.25 17.56
N GLU B 300 20.51 12.06 18.74
CA GLU B 300 20.12 12.87 19.89
C GLU B 300 20.15 14.37 19.56
N ALA B 301 21.22 14.81 18.90
CA ALA B 301 21.33 16.23 18.53
C ALA B 301 20.17 16.64 17.62
N LEU B 302 19.87 15.82 16.61
CA LEU B 302 18.76 16.15 15.71
C LEU B 302 17.45 16.21 16.46
N LEU B 303 17.22 15.24 17.35
CA LEU B 303 15.96 15.18 18.08
C LEU B 303 15.75 16.35 19.02
N ALA B 304 16.80 17.09 19.39
CA ALA B 304 16.63 18.29 20.24
C ALA B 304 16.42 19.58 19.44
N LEU B 305 16.45 19.53 18.10
CA LEU B 305 16.23 20.75 17.32
C LEU B 305 14.76 21.19 17.42
N PRO B 306 14.48 22.49 17.25
CA PRO B 306 13.09 22.97 17.44
C PRO B 306 12.04 22.15 16.69
N VAL B 307 12.24 21.94 15.39
CA VAL B 307 11.21 21.29 14.57
C VAL B 307 10.94 19.85 15.00
N LEU B 308 11.94 19.10 15.45
CA LEU B 308 11.79 17.67 15.72
C LEU B 308 11.40 17.35 17.17
N ARG B 309 10.91 18.32 17.94
CA ARG B 309 10.48 18.09 19.31
CA ARG B 309 10.48 18.09 19.31
C ARG B 309 8.96 17.98 19.33
N GLN B 310 8.46 16.76 19.39
CA GLN B 310 7.02 16.50 19.36
C GLN B 310 6.60 15.46 20.37
#